data_2F4W
#
_entry.id   2F4W
#
_cell.length_a   79.070
_cell.length_b   48.014
_cell.length_c   91.032
_cell.angle_alpha   90.00
_cell.angle_beta   93.94
_cell.angle_gamma   90.00
#
_symmetry.space_group_name_H-M   'C 1 2 1'
#
loop_
_entity.id
_entity.type
_entity.pdbx_description
1 polymer 'ubiquitin-conjugating enzyme E2, J2'
2 water water
#
_entity_poly.entity_id   1
_entity_poly.type   'polypeptide(L)'
_entity_poly.pdbx_seq_one_letter_code
;GSMSSTSSKRAPTTATQRLKQDYLRIKKDPVPYICAEPLPSNILEWHYVVRGPEMTPYEGGYYHGKLIFPREFPFKPPSI
YMITPNGRFKCNTRLCLSITDFHPDTWNPAWSVSTILTGLLSFMVEKGPTLGSIETSDFTKRQLAVQSLAFNLKDKVFCE
LFPEVVEEIKQKQKAQDELSSRPQTLP
;
_entity_poly.pdbx_strand_id   A,B
#
# COMPACT_ATOMS: atom_id res chain seq x y z
N THR A 14 -6.54 -20.77 -9.13
CA THR A 14 -7.85 -20.46 -9.82
C THR A 14 -8.58 -19.28 -9.15
N ALA A 15 -9.07 -18.34 -9.96
CA ALA A 15 -9.87 -17.21 -9.47
C ALA A 15 -11.02 -17.75 -8.65
N THR A 16 -11.73 -18.75 -9.17
CA THR A 16 -12.92 -19.27 -8.49
C THR A 16 -12.64 -19.99 -7.17
N GLN A 17 -11.52 -20.71 -7.10
CA GLN A 17 -11.16 -21.47 -5.89
C GLN A 17 -10.77 -20.48 -4.79
N ARG A 18 -10.11 -19.40 -5.19
CA ARG A 18 -9.76 -18.32 -4.26
C ARG A 18 -10.92 -17.52 -3.74
N LEU A 19 -11.90 -17.30 -4.60
CA LEU A 19 -13.05 -16.51 -4.27
C LEU A 19 -13.98 -17.30 -3.35
N LYS A 20 -14.05 -18.60 -3.59
CA LYS A 20 -14.74 -19.49 -2.65
C LYS A 20 -14.15 -19.42 -1.23
N GLN A 21 -12.83 -19.45 -1.13
CA GLN A 21 -12.13 -19.24 0.12
C GLN A 21 -12.41 -17.89 0.74
N ASP A 22 -12.34 -16.83 -0.08
CA ASP A 22 -12.61 -15.49 0.41
C ASP A 22 -14.04 -15.38 0.96
N TYR A 23 -14.93 -16.16 0.40
CA TYR A 23 -16.34 -16.11 0.85
C TYR A 23 -16.47 -16.67 2.25
N LEU A 24 -15.97 -17.88 2.43
CA LEU A 24 -16.02 -18.57 3.71
C LEU A 24 -15.35 -17.68 4.76
N ARG A 25 -14.21 -17.09 4.38
CA ARG A 25 -13.42 -16.24 5.30
C ARG A 25 -14.15 -14.96 5.75
N ILE A 26 -14.80 -14.26 4.82
CA ILE A 26 -15.50 -13.04 5.17
C ILE A 26 -16.78 -13.37 5.95
N LYS A 27 -17.36 -14.53 5.71
CA LYS A 27 -18.58 -14.90 6.38
C LYS A 27 -18.26 -15.36 7.79
N LYS A 28 -17.11 -16.01 7.94
CA LYS A 28 -16.61 -16.48 9.24
C LYS A 28 -16.14 -15.34 10.15
N ASP A 29 -15.43 -14.39 9.53
CA ASP A 29 -14.68 -13.28 10.11
C ASP A 29 -15.09 -11.95 9.43
N PRO A 30 -16.33 -11.47 9.70
CA PRO A 30 -16.85 -10.28 9.03
C PRO A 30 -15.98 -9.02 9.25
N VAL A 31 -16.14 -8.00 8.42
CA VAL A 31 -15.43 -6.73 8.69
C VAL A 31 -16.41 -5.58 9.01
N PRO A 32 -15.96 -4.56 9.79
CA PRO A 32 -16.87 -3.48 10.16
C PRO A 32 -17.52 -2.81 8.93
N TYR A 33 -18.83 -2.51 9.06
CA TYR A 33 -19.68 -1.78 8.09
C TYR A 33 -19.98 -2.39 6.73
N ILE A 34 -19.49 -3.60 6.47
CA ILE A 34 -19.55 -4.20 5.17
C ILE A 34 -20.30 -5.52 5.17
N CYS A 35 -21.03 -5.77 4.08
CA CYS A 35 -21.58 -7.08 3.77
C CYS A 35 -21.29 -7.34 2.30
N ALA A 36 -20.90 -8.57 1.95
CA ALA A 36 -20.57 -8.90 0.56
C ALA A 36 -21.15 -10.26 0.14
N GLU A 37 -21.68 -10.34 -1.08
CA GLU A 37 -22.26 -11.56 -1.64
C GLU A 37 -21.89 -11.76 -3.12
N PRO A 38 -21.41 -12.95 -3.48
CA PRO A 38 -21.33 -13.28 -4.90
C PRO A 38 -22.65 -13.44 -5.53
N LEU A 39 -22.71 -13.09 -6.81
CA LEU A 39 -23.82 -13.44 -7.61
C LEU A 39 -23.92 -14.95 -7.70
N PRO A 40 -25.14 -15.47 -7.52
CA PRO A 40 -25.38 -16.89 -7.54
C PRO A 40 -25.11 -17.47 -8.92
N SER A 41 -25.21 -16.63 -9.94
CA SER A 41 -25.00 -17.03 -11.31
C SER A 41 -23.54 -16.70 -11.74
N ASN A 42 -22.72 -16.13 -10.85
CA ASN A 42 -21.35 -15.75 -11.31
C ASN A 42 -20.45 -15.39 -10.13
N ILE A 43 -19.53 -16.27 -9.76
CA ILE A 43 -18.63 -16.02 -8.61
C ILE A 43 -17.66 -14.86 -8.88
N LEU A 44 -17.47 -14.50 -10.15
CA LEU A 44 -16.51 -13.43 -10.47
C LEU A 44 -17.12 -12.06 -10.30
N GLU A 45 -18.43 -11.99 -10.04
CA GLU A 45 -19.04 -10.73 -9.69
C GLU A 45 -19.61 -10.74 -8.28
N TRP A 46 -19.10 -9.85 -7.41
CA TRP A 46 -19.61 -9.70 -6.07
C TRP A 46 -20.26 -8.35 -5.91
N HIS A 47 -21.41 -8.31 -5.22
CA HIS A 47 -21.96 -7.06 -4.77
C HIS A 47 -21.65 -6.86 -3.33
N TYR A 48 -21.58 -5.58 -2.91
CA TYR A 48 -21.36 -5.27 -1.51
C TYR A 48 -22.29 -4.14 -1.06
N VAL A 49 -22.47 -4.06 0.26
CA VAL A 49 -23.04 -2.90 0.90
C VAL A 49 -22.15 -2.34 1.96
N VAL A 50 -21.88 -1.04 1.86
CA VAL A 50 -21.21 -0.27 2.93
C VAL A 50 -22.26 0.58 3.67
N ARG A 51 -22.29 0.40 5.01
CA ARG A 51 -23.00 1.28 5.91
C ARG A 51 -22.11 2.51 6.24
N GLY A 52 -22.62 3.73 5.96
CA GLY A 52 -21.85 4.92 6.28
C GLY A 52 -21.59 5.00 7.78
N PRO A 53 -20.30 5.12 8.19
CA PRO A 53 -19.96 5.23 9.61
C PRO A 53 -20.48 6.51 10.21
N GLU A 54 -20.57 6.48 11.53
CA GLU A 54 -21.02 7.63 12.28
C GLU A 54 -19.90 8.64 12.26
N MET A 55 -20.26 9.92 12.40
CA MET A 55 -19.28 11.02 12.39
C MET A 55 -18.61 11.24 11.03
N THR A 56 -19.27 10.78 9.96
CA THR A 56 -18.87 11.12 8.61
C THR A 56 -20.13 11.71 7.98
N PRO A 57 -20.00 12.39 6.81
CA PRO A 57 -21.25 12.78 6.13
C PRO A 57 -22.09 11.59 5.59
N TYR A 58 -21.56 10.35 5.67
CA TYR A 58 -22.27 9.18 5.14
C TYR A 58 -23.12 8.49 6.17
N GLU A 59 -23.08 9.03 7.38
CA GLU A 59 -23.68 8.41 8.52
C GLU A 59 -25.14 8.23 8.20
N GLY A 60 -25.66 7.05 8.44
CA GLY A 60 -27.07 6.80 8.16
C GLY A 60 -27.27 6.33 6.72
N GLY A 61 -26.22 6.37 5.90
CA GLY A 61 -26.41 5.90 4.52
C GLY A 61 -26.10 4.42 4.32
N TYR A 62 -26.71 3.82 3.29
CA TYR A 62 -26.36 2.47 2.84
C TYR A 62 -25.93 2.47 1.35
N TYR A 63 -24.68 2.10 1.10
CA TYR A 63 -24.07 2.19 -0.22
C TYR A 63 -23.75 0.85 -0.91
N HIS A 64 -24.53 0.58 -1.95
CA HIS A 64 -24.44 -0.61 -2.77
C HIS A 64 -23.41 -0.43 -3.90
N GLY A 65 -22.55 -1.43 -4.09
CA GLY A 65 -21.55 -1.42 -5.18
C GLY A 65 -21.27 -2.84 -5.65
N LYS A 66 -20.33 -2.97 -6.60
CA LYS A 66 -19.85 -4.28 -7.03
C LYS A 66 -18.34 -4.38 -7.26
N LEU A 67 -17.84 -5.61 -7.22
CA LEU A 67 -16.48 -5.97 -7.60
C LEU A 67 -16.59 -6.97 -8.75
N ILE A 68 -15.79 -6.77 -9.79
CA ILE A 68 -15.81 -7.70 -10.92
C ILE A 68 -14.37 -8.18 -11.05
N PHE A 69 -14.20 -9.47 -10.78
CA PHE A 69 -12.87 -10.09 -10.66
C PHE A 69 -12.42 -10.64 -12.02
N PRO A 70 -11.15 -10.40 -12.38
CA PRO A 70 -10.75 -11.00 -13.63
C PRO A 70 -10.47 -12.49 -13.42
N ARG A 71 -10.54 -13.27 -14.50
CA ARG A 71 -10.14 -14.68 -14.45
C ARG A 71 -8.70 -14.90 -13.83
N GLU A 72 -7.88 -13.85 -13.88
CA GLU A 72 -6.51 -13.87 -13.37
C GLU A 72 -6.40 -13.62 -11.86
N PHE A 73 -7.53 -13.36 -11.21
CA PHE A 73 -7.50 -13.12 -9.76
C PHE A 73 -7.01 -14.43 -9.13
N PRO A 74 -6.23 -14.37 -8.02
CA PRO A 74 -5.74 -13.28 -7.16
C PRO A 74 -4.56 -12.43 -7.63
N PHE A 75 -4.05 -12.68 -8.84
CA PHE A 75 -2.80 -12.05 -9.25
C PHE A 75 -3.02 -10.73 -9.97
N LYS A 76 -4.30 -10.37 -10.14
CA LYS A 76 -4.71 -9.10 -10.71
C LYS A 76 -5.95 -8.65 -9.94
N PRO A 77 -6.07 -7.34 -9.64
CA PRO A 77 -7.15 -6.85 -8.80
C PRO A 77 -8.54 -6.84 -9.49
N PRO A 78 -9.61 -6.78 -8.68
CA PRO A 78 -10.94 -6.60 -9.26
C PRO A 78 -11.07 -5.21 -9.88
N SER A 79 -12.15 -4.98 -10.63
CA SER A 79 -12.60 -3.63 -10.91
C SER A 79 -13.63 -3.31 -9.85
N ILE A 80 -13.62 -2.09 -9.35
CA ILE A 80 -14.52 -1.63 -8.25
C ILE A 80 -15.56 -0.59 -8.70
N TYR A 81 -16.83 -0.77 -8.32
CA TYR A 81 -17.86 0.16 -8.72
C TYR A 81 -18.76 0.47 -7.54
N MET A 82 -19.29 1.69 -7.49
CA MET A 82 -20.38 1.97 -6.57
C MET A 82 -21.62 2.29 -7.38
N ILE A 83 -22.76 1.81 -6.89
CA ILE A 83 -24.01 1.86 -7.60
C ILE A 83 -24.88 2.94 -6.96
N THR A 84 -24.90 2.99 -5.63
CA THR A 84 -25.67 4.00 -4.89
C THR A 84 -25.03 5.40 -5.01
N PRO A 85 -25.84 6.42 -5.39
CA PRO A 85 -25.37 7.80 -5.32
C PRO A 85 -24.95 8.17 -3.89
N ASN A 86 -23.77 8.77 -3.77
CA ASN A 86 -23.06 8.84 -2.51
C ASN A 86 -22.36 10.18 -2.24
N GLY A 87 -22.03 10.91 -3.30
CA GLY A 87 -21.36 12.21 -3.16
C GLY A 87 -19.86 12.09 -3.25
N ARG A 88 -19.34 10.87 -3.15
CA ARG A 88 -17.88 10.69 -3.10
C ARG A 88 -17.29 10.11 -4.37
N PHE A 89 -17.95 9.09 -4.88
CA PHE A 89 -17.54 8.43 -6.08
C PHE A 89 -18.66 8.62 -7.13
N LYS A 90 -18.25 8.73 -8.39
CA LYS A 90 -19.18 8.67 -9.49
C LYS A 90 -19.72 7.23 -9.61
N CYS A 91 -21.01 7.12 -9.86
CA CYS A 91 -21.71 5.84 -9.98
C CYS A 91 -21.43 5.06 -11.25
N ASN A 92 -21.45 3.74 -11.12
CA ASN A 92 -21.29 2.84 -12.27
C ASN A 92 -20.02 3.06 -13.12
N THR A 93 -18.98 3.52 -12.46
CA THR A 93 -17.71 3.76 -13.12
C THR A 93 -16.56 3.16 -12.29
N ARG A 94 -15.56 2.62 -12.97
CA ARG A 94 -14.37 2.07 -12.33
C ARG A 94 -13.67 3.06 -11.34
N LEU A 95 -13.41 2.61 -10.10
CA LEU A 95 -12.74 3.39 -9.02
C LEU A 95 -11.39 2.82 -8.55
N CYS A 96 -10.63 3.61 -7.79
CA CYS A 96 -9.56 3.07 -6.91
C CYS A 96 -9.80 3.14 -5.39
N TRP A 107 0.69 -4.96 -6.37
CA TRP A 107 -0.48 -5.75 -5.95
C TRP A 107 -0.09 -6.98 -5.11
N ASN A 108 -0.73 -7.15 -3.95
CA ASN A 108 -0.51 -8.35 -3.14
C ASN A 108 -1.67 -9.32 -3.30
N PRO A 109 -1.40 -10.48 -3.94
CA PRO A 109 -2.41 -11.52 -4.15
C PRO A 109 -2.95 -12.16 -2.88
N ALA A 110 -2.37 -11.82 -1.74
CA ALA A 110 -2.83 -12.34 -0.45
C ALA A 110 -4.07 -11.57 0.02
N TRP A 111 -4.16 -10.29 -0.36
CA TRP A 111 -5.36 -9.48 -0.11
C TRP A 111 -6.61 -10.22 -0.52
N SER A 112 -7.59 -10.27 0.38
CA SER A 112 -8.83 -11.00 0.15
C SER A 112 -9.92 -10.02 -0.21
N VAL A 113 -11.09 -10.53 -0.54
CA VAL A 113 -12.24 -9.64 -0.66
C VAL A 113 -12.44 -8.76 0.57
N SER A 114 -12.18 -9.28 1.77
CA SER A 114 -12.27 -8.49 3.04
C SER A 114 -11.36 -7.26 3.05
N THR A 115 -10.07 -7.46 2.82
CA THR A 115 -9.09 -6.39 2.81
C THR A 115 -9.42 -5.32 1.76
N ILE A 116 -9.82 -5.77 0.59
CA ILE A 116 -10.25 -4.88 -0.47
C ILE A 116 -11.42 -3.99 -0.08
N LEU A 117 -12.47 -4.56 0.52
CA LEU A 117 -13.61 -3.76 0.95
C LEU A 117 -13.28 -2.82 2.08
N THR A 118 -12.59 -3.33 3.09
CA THR A 118 -12.10 -2.45 4.14
C THR A 118 -11.25 -1.29 3.58
N GLY A 119 -10.34 -1.55 2.66
CA GLY A 119 -9.58 -0.46 2.01
C GLY A 119 -10.44 0.55 1.25
N LEU A 120 -11.39 0.07 0.46
CA LEU A 120 -12.38 0.92 -0.23
C LEU A 120 -13.11 1.91 0.69
N LEU A 121 -13.62 1.40 1.82
CA LEU A 121 -14.26 2.28 2.77
C LEU A 121 -13.29 3.32 3.40
N SER A 122 -12.07 2.90 3.72
CA SER A 122 -11.03 3.80 4.23
C SER A 122 -10.84 4.95 3.27
N PHE A 123 -10.75 4.63 1.98
CA PHE A 123 -10.69 5.62 0.91
C PHE A 123 -11.95 6.48 0.84
N MET A 124 -13.13 5.86 1.01
CA MET A 124 -14.36 6.60 0.89
C MET A 124 -14.49 7.75 1.90
N VAL A 125 -13.95 7.54 3.08
CA VAL A 125 -14.16 8.40 4.22
C VAL A 125 -13.14 9.56 4.28
N GLU A 126 -12.04 9.40 3.54
CA GLU A 126 -11.06 10.46 3.33
C GLU A 126 -11.55 11.52 2.34
N LYS A 127 -10.65 12.44 1.97
CA LYS A 127 -10.99 13.57 1.10
C LYS A 127 -10.15 13.63 -0.19
N GLY A 128 -9.09 12.84 -0.24
CA GLY A 128 -8.23 12.79 -1.42
C GLY A 128 -8.91 12.37 -2.71
N PRO A 129 -8.30 12.68 -3.86
CA PRO A 129 -8.88 12.30 -5.15
C PRO A 129 -8.35 10.96 -5.66
N THR A 130 -9.15 10.28 -6.50
CA THR A 130 -8.69 9.19 -7.37
C THR A 130 -9.51 9.09 -8.64
N LEU A 131 -9.14 8.13 -9.48
CA LEU A 131 -9.99 7.70 -10.58
C LEU A 131 -11.37 7.42 -10.00
N GLY A 132 -12.38 8.14 -10.51
CA GLY A 132 -13.79 7.92 -10.13
C GLY A 132 -14.34 8.80 -9.04
N SER A 133 -13.48 9.60 -8.39
CA SER A 133 -13.92 10.55 -7.35
C SER A 133 -14.64 11.77 -7.90
N ILE A 134 -15.51 12.34 -7.08
CA ILE A 134 -16.24 13.57 -7.44
C ILE A 134 -16.23 14.46 -6.21
N GLU A 135 -16.37 15.78 -6.42
CA GLU A 135 -16.32 16.76 -5.33
C GLU A 135 -17.72 17.28 -5.08
N THR A 136 -18.23 17.02 -3.89
CA THR A 136 -19.50 17.59 -3.49
C THR A 136 -19.39 18.14 -2.07
N SER A 137 -20.46 18.74 -1.60
CA SER A 137 -20.55 19.24 -0.23
C SER A 137 -21.12 18.19 0.74
N ASP A 138 -20.80 18.36 2.03
CA ASP A 138 -21.23 17.45 3.09
C ASP A 138 -22.74 17.37 3.26
N PHE A 139 -23.47 18.40 2.83
CA PHE A 139 -24.91 18.43 2.99
C PHE A 139 -25.61 17.75 1.81
N THR A 140 -24.90 17.66 0.69
CA THR A 140 -25.41 16.85 -0.42
C THR A 140 -25.18 15.38 -0.06
N LYS A 141 -23.95 15.06 0.35
CA LYS A 141 -23.64 13.75 0.92
C LYS A 141 -24.64 13.32 1.96
N ARG A 142 -24.95 14.21 2.91
CA ARG A 142 -26.01 13.94 3.88
C ARG A 142 -27.39 13.69 3.26
N GLN A 143 -27.74 14.41 2.19
CA GLN A 143 -29.04 14.21 1.53
C GLN A 143 -29.06 12.88 0.77
N LEU A 144 -27.98 12.59 0.05
CA LEU A 144 -27.82 11.27 -0.58
C LEU A 144 -27.87 10.08 0.43
N ALA A 145 -27.38 10.28 1.67
CA ALA A 145 -27.42 9.24 2.70
C ALA A 145 -28.86 9.03 3.08
N VAL A 146 -29.63 10.13 3.20
CA VAL A 146 -31.07 9.92 3.40
C VAL A 146 -31.66 9.24 2.17
N GLN A 147 -31.28 9.69 0.98
CA GLN A 147 -31.89 9.16 -0.24
C GLN A 147 -31.51 7.71 -0.52
N SER A 148 -30.39 7.24 0.03
CA SER A 148 -29.93 5.87 -0.27
C SER A 148 -30.90 4.81 0.23
N LEU A 149 -31.58 5.08 1.33
CA LEU A 149 -32.50 4.08 1.87
C LEU A 149 -33.55 3.67 0.84
N ALA A 150 -34.25 4.67 0.28
CA ALA A 150 -35.29 4.41 -0.70
C ALA A 150 -34.72 3.98 -2.05
N PHE A 151 -33.58 4.54 -2.46
CA PHE A 151 -32.91 4.07 -3.66
C PHE A 151 -32.62 2.56 -3.61
N ASN A 152 -32.06 2.06 -2.51
CA ASN A 152 -31.69 0.63 -2.46
C ASN A 152 -32.89 -0.28 -2.31
N LEU A 153 -33.92 0.19 -1.63
CA LEU A 153 -35.17 -0.59 -1.52
C LEU A 153 -35.94 -0.80 -2.85
N LYS A 154 -35.81 0.12 -3.78
CA LYS A 154 -36.38 -0.04 -5.14
C LYS A 154 -35.54 -0.94 -6.06
N ASP A 155 -34.38 -1.38 -5.58
CA ASP A 155 -33.44 -2.22 -6.36
C ASP A 155 -33.63 -3.71 -6.03
N LYS A 156 -34.24 -4.44 -6.96
CA LYS A 156 -34.55 -5.84 -6.77
C LYS A 156 -33.32 -6.70 -6.45
N VAL A 157 -32.17 -6.36 -7.06
CA VAL A 157 -30.92 -7.09 -6.83
C VAL A 157 -30.40 -6.86 -5.40
N PHE A 158 -30.43 -5.61 -4.96
CA PHE A 158 -30.06 -5.28 -3.59
C PHE A 158 -30.92 -6.09 -2.65
N CYS A 159 -32.23 -5.99 -2.85
CA CYS A 159 -33.16 -6.65 -1.93
C CYS A 159 -32.95 -8.16 -1.85
N GLU A 160 -32.60 -8.76 -2.98
CA GLU A 160 -32.47 -10.21 -3.05
C GLU A 160 -31.12 -10.70 -2.59
N LEU A 161 -30.06 -9.90 -2.73
CA LEU A 161 -28.74 -10.32 -2.25
C LEU A 161 -28.52 -10.06 -0.77
N PHE A 162 -29.14 -8.99 -0.24
CA PHE A 162 -28.94 -8.48 1.12
C PHE A 162 -30.24 -8.39 1.95
N PRO A 163 -30.94 -9.52 2.10
CA PRO A 163 -32.24 -9.47 2.79
C PRO A 163 -32.15 -8.98 4.24
N GLU A 164 -31.02 -9.18 4.91
CA GLU A 164 -30.85 -8.67 6.30
C GLU A 164 -30.65 -7.18 6.33
N VAL A 165 -29.93 -6.62 5.35
CA VAL A 165 -29.73 -5.19 5.30
C VAL A 165 -31.06 -4.50 4.96
N VAL A 166 -31.90 -5.15 4.16
CA VAL A 166 -33.22 -4.59 3.84
C VAL A 166 -33.97 -4.38 5.17
N GLU A 167 -34.04 -5.43 5.98
CA GLU A 167 -34.61 -5.41 7.34
C GLU A 167 -33.96 -4.36 8.25
N GLU A 168 -32.63 -4.24 8.18
CA GLU A 168 -31.90 -3.16 8.84
C GLU A 168 -32.38 -1.76 8.41
N ILE A 169 -32.39 -1.52 7.10
CA ILE A 169 -32.86 -0.25 6.51
C ILE A 169 -34.33 0.04 6.86
N LYS A 170 -35.17 -0.99 6.83
CA LYS A 170 -36.56 -0.85 7.23
C LYS A 170 -36.65 -0.85 8.74
N THR B 13 12.06 -23.21 -0.02
CA THR B 13 13.22 -22.28 -0.28
C THR B 13 13.73 -21.68 1.02
N THR B 14 15.05 -21.75 1.23
CA THR B 14 15.64 -21.13 2.40
C THR B 14 15.73 -19.60 2.19
N ALA B 15 15.93 -18.86 3.27
CA ALA B 15 16.17 -17.42 3.18
C ALA B 15 17.40 -17.19 2.33
N THR B 16 18.44 -18.01 2.53
CA THR B 16 19.70 -17.83 1.83
C THR B 16 19.58 -18.12 0.32
N GLN B 17 18.75 -19.10 -0.04
CA GLN B 17 18.62 -19.47 -1.45
C GLN B 17 17.85 -18.38 -2.15
N ARG B 18 16.94 -17.77 -1.43
CA ARG B 18 16.11 -16.74 -2.04
C ARG B 18 16.82 -15.39 -2.16
N LEU B 19 17.69 -15.10 -1.21
CA LEU B 19 18.44 -13.85 -1.22
C LEU B 19 19.53 -13.90 -2.28
N LYS B 20 20.12 -15.08 -2.49
CA LYS B 20 21.00 -15.30 -3.65
C LYS B 20 20.29 -14.99 -4.94
N GLN B 21 19.06 -15.52 -5.10
CA GLN B 21 18.23 -15.14 -6.24
C GLN B 21 17.88 -13.66 -6.34
N ASP B 22 17.55 -13.02 -5.22
CA ASP B 22 17.24 -11.59 -5.27
C ASP B 22 18.50 -10.77 -5.63
N TYR B 23 19.66 -11.28 -5.27
CA TYR B 23 20.92 -10.59 -5.60
C TYR B 23 21.19 -10.56 -7.12
N LEU B 24 21.22 -11.73 -7.73
CA LEU B 24 21.33 -11.88 -9.17
C LEU B 24 20.35 -10.97 -9.92
N ARG B 25 19.10 -10.96 -9.44
CA ARG B 25 18.00 -10.22 -10.03
C ARG B 25 18.21 -8.70 -10.02
N ILE B 26 18.57 -8.15 -8.86
CA ILE B 26 18.76 -6.69 -8.74
C ILE B 26 20.01 -6.24 -9.46
N LYS B 27 21.00 -7.12 -9.57
CA LYS B 27 22.21 -6.75 -10.29
C LYS B 27 21.94 -6.80 -11.79
N LYS B 28 21.10 -7.75 -12.20
CA LYS B 28 20.71 -7.90 -13.62
C LYS B 28 19.74 -6.81 -14.09
N ASP B 29 18.87 -6.36 -13.17
CA ASP B 29 17.71 -5.52 -13.47
C ASP B 29 17.65 -4.46 -12.37
N PRO B 30 18.58 -3.47 -12.39
CA PRO B 30 18.56 -2.52 -11.28
C PRO B 30 17.28 -1.69 -11.15
N VAL B 31 17.10 -1.07 -10.00
CA VAL B 31 16.00 -0.16 -9.85
C VAL B 31 16.49 1.30 -9.69
N PRO B 32 15.65 2.29 -10.09
CA PRO B 32 16.07 3.68 -9.99
C PRO B 32 16.44 4.12 -8.56
N TYR B 33 17.55 4.87 -8.46
CA TYR B 33 18.00 5.60 -7.25
C TYR B 33 18.68 4.75 -6.20
N ILE B 34 18.77 3.44 -6.45
CA ILE B 34 19.17 2.45 -5.44
C ILE B 34 20.30 1.48 -5.80
N CYS B 35 21.18 1.27 -4.80
CA CYS B 35 22.24 0.26 -4.85
C CYS B 35 22.13 -0.61 -3.59
N ALA B 36 22.17 -1.92 -3.73
CA ALA B 36 22.11 -2.79 -2.54
C ALA B 36 23.22 -3.83 -2.54
N GLU B 37 23.76 -4.18 -1.36
CA GLU B 37 24.79 -5.20 -1.29
C GLU B 37 24.63 -6.06 -0.05
N PRO B 38 24.70 -7.41 -0.17
CA PRO B 38 24.94 -8.17 1.03
C PRO B 38 26.25 -8.00 1.69
N LEU B 39 26.24 -8.13 3.01
CA LEU B 39 27.50 -8.26 3.70
C LEU B 39 28.11 -9.56 3.25
N PRO B 40 29.40 -9.49 2.96
CA PRO B 40 30.13 -10.67 2.53
C PRO B 40 30.29 -11.67 3.65
N SER B 41 30.11 -11.30 4.91
CA SER B 41 30.09 -12.37 5.89
C SER B 41 28.71 -12.58 6.51
N ASN B 42 27.67 -12.12 5.82
CA ASN B 42 26.29 -12.45 6.30
C ASN B 42 25.26 -12.10 5.22
N ILE B 43 24.71 -13.09 4.52
CA ILE B 43 23.75 -12.78 3.42
C ILE B 43 22.41 -12.26 3.96
N LEU B 44 22.18 -12.44 5.26
CA LEU B 44 20.93 -11.96 5.90
C LEU B 44 20.92 -10.48 6.28
N GLU B 45 22.04 -9.79 6.08
CA GLU B 45 22.12 -8.36 6.28
C GLU B 45 22.57 -7.71 4.97
N TRP B 46 21.72 -6.90 4.37
CA TRP B 46 21.99 -6.21 3.13
C TRP B 46 22.06 -4.72 3.46
N HIS B 47 23.07 -4.02 2.93
CA HIS B 47 23.07 -2.58 3.05
C HIS B 47 22.60 -2.01 1.78
N TYR B 48 22.12 -0.76 1.84
CA TYR B 48 21.69 -0.06 0.62
C TYR B 48 22.04 1.42 0.64
N VAL B 49 21.99 2.01 -0.55
CA VAL B 49 22.09 3.46 -0.70
C VAL B 49 21.02 3.96 -1.57
N VAL B 50 20.31 4.98 -1.10
CA VAL B 50 19.29 5.68 -1.84
C VAL B 50 19.84 7.04 -2.19
N ARG B 51 19.89 7.36 -3.49
CA ARG B 51 20.15 8.70 -4.01
C ARG B 51 18.83 9.52 -3.99
N GLY B 52 18.80 10.66 -3.29
CA GLY B 52 17.56 11.45 -3.19
C GLY B 52 17.15 11.92 -4.57
N PRO B 53 15.86 11.67 -4.98
CA PRO B 53 15.40 12.18 -6.28
C PRO B 53 15.44 13.70 -6.41
N GLU B 54 15.60 14.18 -7.63
CA GLU B 54 15.51 15.59 -7.94
C GLU B 54 14.09 16.04 -7.64
N MET B 55 13.93 17.34 -7.38
CA MET B 55 12.62 17.93 -7.05
C MET B 55 12.02 17.42 -5.73
N THR B 56 12.88 16.88 -4.85
CA THR B 56 12.47 16.58 -3.49
C THR B 56 13.48 17.30 -2.58
N PRO B 57 13.17 17.43 -1.27
CA PRO B 57 14.15 17.96 -0.31
C PRO B 57 15.43 17.10 -0.18
N TYR B 58 15.38 15.85 -0.66
CA TYR B 58 16.53 14.92 -0.56
C TYR B 58 17.51 15.02 -1.73
N GLU B 59 17.18 15.87 -2.69
CA GLU B 59 17.91 15.98 -3.94
C GLU B 59 19.34 16.25 -3.57
N GLY B 60 20.26 15.51 -4.18
CA GLY B 60 21.71 15.72 -3.93
C GLY B 60 22.13 14.93 -2.71
N GLY B 61 21.19 14.26 -2.03
CA GLY B 61 21.61 13.47 -0.89
C GLY B 61 21.87 12.00 -1.24
N TYR B 62 22.61 11.32 -0.36
CA TYR B 62 22.85 9.90 -0.50
C TYR B 62 22.63 9.28 0.86
N TYR B 63 21.77 8.27 0.91
CA TYR B 63 21.22 7.78 2.17
C TYR B 63 21.47 6.29 2.31
N HIS B 64 22.38 5.98 3.22
CA HIS B 64 22.82 4.63 3.54
C HIS B 64 21.93 4.01 4.62
N GLY B 65 21.52 2.77 4.39
CA GLY B 65 20.65 2.07 5.38
C GLY B 65 20.94 0.58 5.30
N LYS B 66 20.15 -0.24 6.00
CA LYS B 66 20.28 -1.67 5.93
C LYS B 66 18.90 -2.34 6.09
N LEU B 67 18.84 -3.59 5.60
CA LEU B 67 17.77 -4.57 5.69
C LEU B 67 18.35 -5.75 6.44
N ILE B 68 17.63 -6.22 7.45
CA ILE B 68 18.02 -7.42 8.16
C ILE B 68 16.90 -8.46 8.01
N PHE B 69 17.26 -9.57 7.37
CA PHE B 69 16.32 -10.63 6.99
C PHE B 69 16.26 -11.71 8.08
N PRO B 70 15.02 -12.13 8.44
CA PRO B 70 14.88 -13.25 9.37
C PRO B 70 15.06 -14.57 8.65
N ARG B 71 15.48 -15.60 9.38
CA ARG B 71 15.65 -16.94 8.84
C ARG B 71 14.42 -17.43 8.05
N GLU B 72 13.25 -16.87 8.36
CA GLU B 72 11.99 -17.28 7.72
C GLU B 72 11.71 -16.53 6.40
N PHE B 73 12.55 -15.56 6.05
CA PHE B 73 12.40 -14.91 4.75
C PHE B 73 12.41 -16.01 3.71
N PRO B 74 11.63 -15.88 2.63
CA PRO B 74 10.78 -14.80 2.17
C PRO B 74 9.40 -14.71 2.79
N PHE B 75 9.14 -15.54 3.80
CA PHE B 75 7.81 -15.67 4.37
C PHE B 75 7.54 -14.69 5.51
N LYS B 76 8.61 -14.10 6.06
CA LYS B 76 8.52 -12.94 6.97
C LYS B 76 9.41 -11.81 6.43
N PRO B 77 9.00 -10.54 6.64
CA PRO B 77 9.76 -9.49 5.95
C PRO B 77 11.04 -9.12 6.68
N PRO B 78 11.92 -8.37 6.02
CA PRO B 78 13.07 -7.95 6.78
C PRO B 78 12.67 -6.84 7.72
N SER B 79 13.58 -6.48 8.61
CA SER B 79 13.54 -5.21 9.31
C SER B 79 14.38 -4.20 8.51
N ILE B 80 13.97 -2.93 8.53
CA ILE B 80 14.47 -1.84 7.68
C ILE B 80 15.00 -0.70 8.56
N TYR B 81 16.21 -0.22 8.27
CA TYR B 81 16.86 0.81 9.03
C TYR B 81 17.50 1.80 8.05
N MET B 82 17.55 3.06 8.49
CA MET B 82 18.38 4.06 7.77
C MET B 82 19.46 4.47 8.70
N ILE B 83 20.65 4.68 8.16
CA ILE B 83 21.84 4.93 8.95
C ILE B 83 22.21 6.44 8.79
N THR B 84 22.16 6.96 7.56
CA THR B 84 22.49 8.35 7.27
C THR B 84 21.39 9.26 7.79
N PRO B 85 21.76 10.32 8.55
CA PRO B 85 20.79 11.34 8.96
C PRO B 85 20.07 11.97 7.74
N ASN B 86 18.74 12.06 7.79
CA ASN B 86 17.94 12.35 6.59
C ASN B 86 16.72 13.28 6.74
N GLY B 87 16.12 13.31 7.93
CA GLY B 87 15.01 14.24 8.20
C GLY B 87 13.65 13.60 8.08
N ARG B 88 13.60 12.39 7.56
CA ARG B 88 12.33 11.71 7.36
C ARG B 88 12.16 10.55 8.31
N PHE B 89 13.24 9.77 8.46
CA PHE B 89 13.26 8.60 9.33
C PHE B 89 14.31 8.82 10.40
N LYS B 90 13.98 8.32 11.60
CA LYS B 90 14.89 8.26 12.73
C LYS B 90 15.98 7.22 12.38
N CYS B 91 17.23 7.56 12.69
CA CYS B 91 18.35 6.69 12.39
C CYS B 91 18.46 5.48 13.30
N ASN B 92 18.92 4.37 12.70
CA ASN B 92 19.21 3.11 13.40
C ASN B 92 18.05 2.60 14.24
N THR B 93 16.82 2.83 13.76
CA THR B 93 15.60 2.22 14.37
C THR B 93 14.74 1.56 13.31
N ARG B 94 14.05 0.49 13.70
CA ARG B 94 13.16 -0.19 12.78
C ARG B 94 12.10 0.76 12.23
N LEU B 95 11.92 0.73 10.92
CA LEU B 95 10.95 1.55 10.21
C LEU B 95 9.91 0.62 9.58
N CYS B 96 8.63 0.98 9.59
CA CYS B 96 7.64 0.02 9.07
C CYS B 96 6.98 0.33 7.73
N LEU B 97 7.80 0.54 6.70
CA LEU B 97 7.34 0.84 5.34
C LEU B 97 7.36 -0.41 4.44
N TRP B 107 1.79 -9.01 4.10
CA TRP B 107 3.07 -9.48 3.58
C TRP B 107 3.06 -10.54 2.46
N ASN B 108 3.67 -10.18 1.32
CA ASN B 108 3.77 -11.03 0.15
C ASN B 108 5.16 -11.66 -0.01
N PRO B 109 5.27 -12.97 0.29
CA PRO B 109 6.53 -13.70 0.08
C PRO B 109 7.16 -13.55 -1.30
N ALA B 110 6.43 -13.07 -2.31
CA ALA B 110 7.00 -12.96 -3.65
C ALA B 110 7.67 -11.61 -3.93
N TRP B 111 7.51 -10.66 -3.00
CA TRP B 111 8.22 -9.40 -3.10
C TRP B 111 9.74 -9.64 -2.98
N SER B 112 10.51 -9.10 -3.94
CA SER B 112 11.96 -9.23 -3.95
C SER B 112 12.62 -8.11 -3.17
N VAL B 113 13.91 -8.22 -2.91
CA VAL B 113 14.61 -7.08 -2.34
C VAL B 113 14.43 -5.81 -3.17
N SER B 114 14.42 -5.93 -4.50
CA SER B 114 14.15 -4.79 -5.41
C SER B 114 12.83 -4.09 -5.06
N THR B 115 11.75 -4.86 -4.97
CA THR B 115 10.45 -4.25 -4.68
C THR B 115 10.45 -3.58 -3.34
N ILE B 116 11.09 -4.22 -2.35
CA ILE B 116 11.17 -3.66 -1.01
C ILE B 116 11.88 -2.32 -0.99
N LEU B 117 12.98 -2.20 -1.72
CA LEU B 117 13.75 -0.96 -1.73
C LEU B 117 13.05 0.15 -2.48
N THR B 118 12.55 -0.16 -3.68
CA THR B 118 11.67 0.79 -4.37
C THR B 118 10.48 1.26 -3.51
N GLY B 119 9.81 0.33 -2.81
CA GLY B 119 8.79 0.73 -1.83
C GLY B 119 9.26 1.64 -0.72
N LEU B 120 10.43 1.37 -0.15
CA LEU B 120 10.95 2.24 0.90
C LEU B 120 11.17 3.69 0.39
N LEU B 121 11.73 3.80 -0.80
CA LEU B 121 12.01 5.13 -1.37
C LEU B 121 10.69 5.91 -1.65
N SER B 122 9.71 5.22 -2.20
CA SER B 122 8.34 5.73 -2.35
C SER B 122 7.79 6.35 -1.07
N PHE B 123 7.83 5.58 -0.01
CA PHE B 123 7.39 6.06 1.28
C PHE B 123 8.19 7.24 1.76
N MET B 124 9.50 7.22 1.50
CA MET B 124 10.38 8.24 1.99
C MET B 124 10.09 9.63 1.43
N VAL B 125 9.95 9.75 0.12
CA VAL B 125 9.65 11.04 -0.52
C VAL B 125 8.23 11.58 -0.27
N GLU B 126 7.34 10.73 0.24
CA GLU B 126 6.01 11.12 0.73
C GLU B 126 6.10 11.79 2.12
N LYS B 127 4.93 12.01 2.74
CA LYS B 127 4.86 12.79 3.97
C LYS B 127 4.11 12.07 5.09
N GLY B 128 3.36 11.02 4.73
CA GLY B 128 2.64 10.21 5.71
C GLY B 128 3.46 9.66 6.87
N PRO B 129 2.78 9.39 8.00
CA PRO B 129 3.44 8.87 9.21
C PRO B 129 3.65 7.36 9.16
N THR B 130 4.80 6.89 9.69
CA THR B 130 5.05 5.44 9.84
C THR B 130 5.81 5.13 11.10
N LEU B 131 5.96 3.86 11.42
CA LEU B 131 6.92 3.48 12.44
C LEU B 131 8.30 4.12 12.08
N GLY B 132 8.92 4.78 13.05
CA GLY B 132 10.25 5.37 12.87
C GLY B 132 10.37 6.70 12.15
N SER B 133 9.25 7.26 11.70
CA SER B 133 9.27 8.55 11.00
C SER B 133 9.42 9.72 11.97
N ILE B 134 10.08 10.78 11.49
CA ILE B 134 10.24 12.02 12.25
C ILE B 134 9.69 13.21 11.45
N GLU B 135 9.39 14.33 12.12
CA GLU B 135 8.96 15.56 11.43
C GLU B 135 10.07 16.61 11.43
N THR B 136 10.49 17.06 10.25
CA THR B 136 11.47 18.15 10.16
C THR B 136 11.10 19.17 9.04
N SER B 137 11.84 20.27 8.93
CA SER B 137 11.63 21.20 7.82
C SER B 137 12.34 20.69 6.57
N ASP B 138 11.95 21.25 5.42
CA ASP B 138 12.61 20.95 4.16
C ASP B 138 13.96 21.60 4.09
N PHE B 139 14.20 22.63 4.89
CA PHE B 139 15.51 23.25 4.90
C PHE B 139 16.49 22.42 5.76
N THR B 140 15.90 21.65 6.68
CA THR B 140 16.64 20.73 7.52
C THR B 140 17.06 19.56 6.62
N LYS B 141 16.06 18.94 5.99
CA LYS B 141 16.29 17.87 5.02
C LYS B 141 17.29 18.25 3.97
N ARG B 142 17.16 19.48 3.44
CA ARG B 142 18.18 20.04 2.54
C ARG B 142 19.60 20.17 3.14
N GLN B 143 19.70 20.45 4.44
CA GLN B 143 21.04 20.54 5.04
C GLN B 143 21.58 19.13 5.29
N LEU B 144 20.72 18.23 5.71
CA LEU B 144 21.10 16.82 5.83
C LEU B 144 21.54 16.20 4.48
N ALA B 145 20.97 16.68 3.37
CA ALA B 145 21.29 16.19 2.05
C ALA B 145 22.72 16.59 1.79
N VAL B 146 23.08 17.85 2.07
CA VAL B 146 24.49 18.27 1.85
C VAL B 146 25.41 17.52 2.82
N GLN B 147 24.96 17.35 4.07
CA GLN B 147 25.79 16.73 5.10
C GLN B 147 25.97 15.22 4.92
N SER B 148 25.16 14.60 4.07
CA SER B 148 25.24 13.14 3.88
C SER B 148 26.50 12.77 3.13
N LEU B 149 26.97 13.64 2.27
CA LEU B 149 28.13 13.27 1.48
C LEU B 149 29.31 13.00 2.40
N ALA B 150 29.68 13.99 3.21
CA ALA B 150 30.79 13.85 4.18
C ALA B 150 30.50 12.78 5.24
N PHE B 151 29.27 12.71 5.75
CA PHE B 151 28.89 11.64 6.64
C PHE B 151 29.24 10.25 6.06
N ASN B 152 28.70 9.91 4.89
CA ASN B 152 28.95 8.58 4.27
C ASN B 152 30.44 8.30 3.93
N LEU B 153 31.17 9.33 3.51
CA LEU B 153 32.60 9.12 3.19
C LEU B 153 33.48 8.79 4.40
N LYS B 154 33.04 9.22 5.59
CA LYS B 154 33.69 8.86 6.86
C LYS B 154 33.36 7.46 7.35
N ASP B 155 32.43 6.79 6.67
CA ASP B 155 31.95 5.46 7.08
C ASP B 155 32.63 4.36 6.25
N LYS B 156 33.50 3.58 6.88
CA LYS B 156 34.33 2.59 6.14
C LYS B 156 33.47 1.48 5.53
N VAL B 157 32.41 1.16 6.24
CA VAL B 157 31.48 0.18 5.69
C VAL B 157 30.83 0.70 4.43
N PHE B 158 30.39 1.95 4.42
CA PHE B 158 29.78 2.47 3.24
C PHE B 158 30.77 2.44 2.09
N CYS B 159 31.98 2.90 2.39
CA CYS B 159 33.00 3.04 1.33
C CYS B 159 33.45 1.69 0.74
N GLU B 160 33.55 0.70 1.62
CA GLU B 160 33.94 -0.64 1.22
C GLU B 160 32.89 -1.41 0.42
N LEU B 161 31.60 -1.21 0.73
CA LEU B 161 30.57 -1.93 0.01
C LEU B 161 30.13 -1.20 -1.23
N PHE B 162 30.22 0.14 -1.25
CA PHE B 162 29.72 0.94 -2.38
C PHE B 162 30.80 1.85 -3.04
N PRO B 163 31.89 1.23 -3.55
CA PRO B 163 32.98 2.03 -4.12
C PRO B 163 32.55 2.86 -5.34
N GLU B 164 31.58 2.40 -6.16
CA GLU B 164 31.06 3.27 -7.24
C GLU B 164 30.32 4.49 -6.73
N VAL B 165 29.67 4.36 -5.58
CA VAL B 165 28.89 5.46 -5.08
C VAL B 165 29.81 6.48 -4.47
N VAL B 166 30.90 6.00 -3.87
CA VAL B 166 31.92 6.89 -3.30
C VAL B 166 32.45 7.84 -4.41
N GLU B 167 32.87 7.23 -5.53
CA GLU B 167 33.27 7.93 -6.74
C GLU B 167 32.19 8.88 -7.29
N GLU B 168 30.94 8.43 -7.33
CA GLU B 168 29.80 9.29 -7.66
C GLU B 168 29.72 10.54 -6.77
N ILE B 169 29.85 10.33 -5.45
CA ILE B 169 29.92 11.39 -4.43
C ILE B 169 31.18 12.28 -4.56
N LYS B 170 32.35 11.69 -4.75
CA LYS B 170 33.59 12.45 -4.88
C LYS B 170 33.54 13.40 -6.09
N GLN B 171 33.06 12.90 -7.24
CA GLN B 171 32.91 13.74 -8.44
C GLN B 171 31.92 14.90 -8.18
N LYS B 172 31.06 14.74 -7.17
CA LYS B 172 30.03 15.73 -6.81
C LYS B 172 30.58 16.89 -5.96
N GLN B 173 31.68 16.63 -5.25
CA GLN B 173 32.24 17.61 -4.30
C GLN B 173 33.19 18.61 -4.96
#